data_7XWV
#
_entry.id   7XWV
#
_cell.length_a   132.471
_cell.length_b   132.471
_cell.length_c   241.533
_cell.angle_alpha   90.000
_cell.angle_beta   90.000
_cell.angle_gamma   120.000
#
_symmetry.space_group_name_H-M   'H 3 2'
#
loop_
_entity.id
_entity.type
_entity.pdbx_description
1 polymer 'Feruloyl-CoA hydratase/lyase'
2 non-polymer 4-hydroxy-3-methoxybenzaldehyde
3 non-polymer GLYCEROL
4 non-polymer 'COENZYME A'
5 non-polymer IMIDAZOLE
6 water water
#
_entity_poly.entity_id   1
_entity_poly.type   'polypeptide(L)'
_entity_poly.pdbx_seq_one_letter_code
;MSEENKPVEREEDTVRYEIVNNVAWVYYNRPTKRNAQSPKLNRQMLKVLTELEFRDDVGVLVLGGEGPAWCAGMDLKEYF
RETEAEGLAGTRKAQREAYTWWERLRWYQKPTIAMVHGWCFGGAYGPLFACDLAFAADEAQFGLSEVNWGILPGGGATKV
AVDLMPMRVAMYHAMMGENLSGQDAARYNLVNESMPADQLKARVKQVAETLIQKNWATVKYTKDAVRRVKEMTYDNAEDY
LIRLQEGLNWFDKSDGRHVAMKQFLDDKTFKPGLGHYDKTKTEVLEHHHHHH
;
_entity_poly.pdbx_strand_id   A,B
#
loop_
_chem_comp.id
_chem_comp.type
_chem_comp.name
_chem_comp.formula
COA non-polymer 'COENZYME A' 'C21 H36 N7 O16 P3 S'
GOL non-polymer GLYCEROL 'C3 H8 O3'
IMD non-polymer IMIDAZOLE 'C3 H5 N2 1'
V55 non-polymer 4-hydroxy-3-methoxybenzaldehyde 'C8 H8 O3'
#
# COMPACT_ATOMS: atom_id res chain seq x y z
N GLU A 9 12.82 -9.47 22.90
CA GLU A 9 12.46 -10.93 23.13
C GLU A 9 10.99 -11.16 22.76
N ARG A 10 10.03 -10.70 23.55
CA ARG A 10 8.61 -11.01 23.27
C ARG A 10 8.03 -9.96 22.31
N GLU A 11 7.39 -10.42 21.23
CA GLU A 11 6.76 -9.56 20.21
C GLU A 11 5.77 -8.56 20.84
N GLU A 12 4.88 -8.95 21.76
CA GLU A 12 3.83 -8.02 22.23
C GLU A 12 4.39 -7.04 23.28
N ASP A 13 5.66 -7.15 23.65
CA ASP A 13 6.29 -6.20 24.62
C ASP A 13 7.05 -5.06 23.91
N THR A 14 7.15 -5.08 22.57
CA THR A 14 7.95 -4.10 21.80
C THR A 14 7.21 -2.77 21.60
N VAL A 15 5.91 -2.70 21.89
CA VAL A 15 5.11 -1.46 21.81
C VAL A 15 4.20 -1.49 23.04
N ARG A 16 4.05 -0.37 23.74
CA ARG A 16 3.04 -0.25 24.82
C ARG A 16 2.20 0.97 24.51
N TYR A 17 0.99 0.98 25.03
CA TYR A 17 0.08 2.13 24.91
C TYR A 17 -0.73 2.25 26.19
N GLU A 18 -1.38 3.40 26.31
CA GLU A 18 -2.34 3.80 27.37
C GLU A 18 -3.28 4.80 26.70
N ILE A 19 -4.57 4.58 26.81
CA ILE A 19 -5.62 5.55 26.42
C ILE A 19 -6.06 6.29 27.68
N VAL A 20 -5.84 7.60 27.69
CA VAL A 20 -6.30 8.52 28.77
C VAL A 20 -7.04 9.69 28.12
N ASN A 21 -8.33 9.82 28.41
CA ASN A 21 -9.22 10.94 28.03
C ASN A 21 -9.20 11.14 26.52
N ASN A 22 -9.31 10.04 25.79
CA ASN A 22 -9.52 10.04 24.33
C ASN A 22 -8.18 10.26 23.58
N VAL A 23 -7.06 10.24 24.28
CA VAL A 23 -5.70 10.29 23.66
C VAL A 23 -5.05 8.94 23.83
N ALA A 24 -4.71 8.30 22.71
CA ALA A 24 -3.88 7.08 22.75
C ALA A 24 -2.40 7.48 22.77
N TRP A 25 -1.73 7.26 23.90
CA TRP A 25 -0.27 7.41 24.03
C TRP A 25 0.43 6.10 23.70
N VAL A 26 1.04 6.03 22.52
CA VAL A 26 1.71 4.81 22.01
C VAL A 26 3.21 5.03 22.10
N TYR A 27 3.95 4.05 22.65
CA TYR A 27 5.42 4.18 22.79
C TYR A 27 6.09 2.97 22.12
N TYR A 28 7.08 3.27 21.29
CA TYR A 28 8.17 2.33 20.99
C TYR A 28 8.70 1.82 22.34
N ASN A 29 8.80 0.52 22.49
CA ASN A 29 9.13 -0.04 23.82
C ASN A 29 10.30 -1.00 23.66
N ARG A 30 11.42 -0.54 23.11
CA ARG A 30 12.70 -1.27 23.15
C ARG A 30 13.73 -0.26 23.63
N PRO A 31 13.54 0.31 24.83
CA PRO A 31 14.41 1.40 25.29
C PRO A 31 15.92 1.07 25.27
N THR A 32 16.30 -0.16 25.63
CA THR A 32 17.70 -0.60 25.72
C THR A 32 18.25 -0.78 24.30
N LYS A 33 17.38 -0.86 23.28
CA LYS A 33 17.76 -1.01 21.86
C LYS A 33 17.46 0.29 21.12
N ARG A 34 17.34 1.40 21.87
CA ARG A 34 17.10 2.77 21.34
C ARG A 34 15.89 2.72 20.39
N ASN A 35 14.91 1.87 20.73
CA ASN A 35 13.62 1.70 20.03
C ASN A 35 13.82 1.44 18.54
N ALA A 36 14.87 0.65 18.20
CA ALA A 36 15.18 0.21 16.83
C ALA A 36 13.96 -0.49 16.26
N GLN A 37 13.54 -0.15 15.02
CA GLN A 37 12.41 -0.88 14.38
C GLN A 37 12.86 -2.26 13.90
N SER A 38 12.53 -3.29 14.67
CA SER A 38 12.78 -4.72 14.37
C SER A 38 11.51 -5.26 13.76
N PRO A 39 11.53 -6.40 13.04
CA PRO A 39 10.30 -6.99 12.52
C PRO A 39 9.21 -7.25 13.56
N LYS A 40 9.63 -7.67 14.76
CA LYS A 40 8.71 -7.84 15.92
C LYS A 40 8.05 -6.49 16.23
N LEU A 41 8.78 -5.39 16.38
CA LEU A 41 8.16 -4.07 16.65
C LEU A 41 7.25 -3.69 15.48
N ASN A 42 7.72 -3.85 14.24
CA ASN A 42 6.94 -3.46 13.03
C ASN A 42 5.59 -4.19 13.06
N ARG A 43 5.60 -5.51 13.32
CA ARG A 43 4.36 -6.33 13.35
C ARG A 43 3.47 -5.84 14.51
N GLN A 44 4.04 -5.65 15.68
CA GLN A 44 3.23 -5.30 16.86
C GLN A 44 2.70 -3.89 16.69
N MET A 45 3.47 -2.98 16.11
CA MET A 45 2.99 -1.58 15.91
C MET A 45 1.76 -1.63 15.01
N LEU A 46 1.77 -2.43 13.94
CA LEU A 46 0.60 -2.53 13.04
C LEU A 46 -0.60 -3.02 13.84
N LYS A 47 -0.39 -4.07 14.65
CA LYS A 47 -1.45 -4.66 15.51
C LYS A 47 -2.05 -3.59 16.44
N VAL A 48 -1.20 -2.84 17.13
CA VAL A 48 -1.71 -1.80 18.06
C VAL A 48 -2.40 -0.69 17.25
N LEU A 49 -1.77 -0.16 16.20
CA LEU A 49 -2.43 0.91 15.41
C LEU A 49 -3.76 0.39 14.90
N THR A 50 -3.81 -0.79 14.30
CA THR A 50 -5.07 -1.30 13.71
C THR A 50 -6.17 -1.40 14.78
N GLU A 51 -5.83 -1.87 15.98
CA GLU A 51 -6.85 -2.03 17.05
C GLU A 51 -7.37 -0.68 17.56
N LEU A 52 -6.52 0.36 17.61
CA LEU A 52 -6.89 1.68 18.21
C LEU A 52 -7.70 2.52 17.20
N GLU A 53 -7.56 2.25 15.90
CA GLU A 53 -7.83 3.28 14.85
C GLU A 53 -9.29 3.77 14.91
N PHE A 54 -10.24 2.86 15.01
CA PHE A 54 -11.68 3.18 14.91
C PHE A 54 -12.35 3.09 16.29
N ARG A 55 -11.64 3.07 17.41
CA ARG A 55 -12.32 3.10 18.74
C ARG A 55 -12.95 4.47 18.93
N ASP A 56 -14.20 4.56 19.39
CA ASP A 56 -14.90 5.86 19.61
C ASP A 56 -14.32 6.61 20.81
N ASP A 57 -13.46 5.98 21.59
CA ASP A 57 -12.83 6.62 22.77
C ASP A 57 -11.39 7.03 22.43
N VAL A 58 -10.97 6.94 21.15
CA VAL A 58 -9.61 7.42 20.71
C VAL A 58 -9.83 8.53 19.68
N GLY A 59 -9.53 9.78 20.03
CA GLY A 59 -9.68 10.94 19.13
C GLY A 59 -8.34 11.40 18.57
N VAL A 60 -7.25 11.03 19.25
CA VAL A 60 -5.87 11.49 18.88
C VAL A 60 -4.91 10.41 19.30
N LEU A 61 -3.89 10.17 18.49
CA LEU A 61 -2.81 9.21 18.78
C LEU A 61 -1.48 9.95 18.83
N VAL A 62 -0.78 9.77 19.94
CA VAL A 62 0.56 10.33 20.18
C VAL A 62 1.58 9.19 20.12
N LEU A 63 2.61 9.32 19.29
CA LEU A 63 3.69 8.33 19.14
C LEU A 63 4.92 8.83 19.91
N GLY A 64 5.21 8.21 21.06
CA GLY A 64 6.41 8.52 21.87
C GLY A 64 7.40 7.37 21.90
N GLY A 65 8.47 7.54 22.67
CA GLY A 65 9.44 6.48 22.87
C GLY A 65 9.87 6.41 24.31
N GLU A 66 10.22 5.19 24.73
CA GLU A 66 10.76 4.87 26.08
C GLU A 66 12.28 5.03 26.00
N GLY A 67 12.88 5.57 27.08
CA GLY A 67 14.34 5.70 27.24
C GLY A 67 14.85 6.92 26.50
N PRO A 68 16.16 6.98 26.18
CA PRO A 68 16.75 8.21 25.63
C PRO A 68 16.43 8.48 24.16
N ALA A 69 16.03 7.48 23.37
CA ALA A 69 15.71 7.62 21.93
C ALA A 69 14.19 7.68 21.73
N TRP A 70 13.72 8.52 20.79
CA TRP A 70 12.39 8.33 20.14
C TRP A 70 12.46 7.09 19.25
N CYS A 71 13.29 7.10 18.20
CA CYS A 71 13.54 5.89 17.37
C CYS A 71 14.86 6.02 16.63
N ALA A 72 15.78 5.09 16.88
CA ALA A 72 17.16 5.10 16.32
C ALA A 72 17.15 4.42 14.95
N GLY A 73 15.98 4.25 14.35
CA GLY A 73 15.82 3.80 12.95
C GLY A 73 15.54 2.31 12.91
N MET A 74 16.02 1.61 11.89
CA MET A 74 15.81 0.14 11.76
C MET A 74 16.87 -0.62 12.58
N ASP A 75 16.47 -1.78 13.10
CA ASP A 75 17.34 -2.71 13.86
C ASP A 75 18.35 -3.34 12.91
N LEU A 76 19.61 -2.97 13.02
CA LEU A 76 20.70 -3.42 12.11
C LEU A 76 20.73 -4.95 12.07
N LYS A 77 20.68 -5.58 13.25
CA LYS A 77 20.70 -7.05 13.43
C LYS A 77 19.41 -7.71 12.91
N GLU A 78 18.24 -7.34 13.46
CA GLU A 78 16.98 -8.09 13.27
C GLU A 78 16.29 -7.65 11.95
N TYR A 79 16.37 -6.38 11.58
CA TYR A 79 15.72 -5.90 10.32
C TYR A 79 16.59 -6.12 9.07
N PHE A 80 17.90 -5.84 9.11
CA PHE A 80 18.78 -5.90 7.91
C PHE A 80 19.52 -7.26 7.83
N ARG A 81 20.40 -7.56 8.79
CA ARG A 81 21.32 -8.73 8.78
C ARG A 81 20.53 -10.06 8.78
N GLU A 82 19.64 -10.28 9.74
CA GLU A 82 18.91 -11.56 9.90
C GLU A 82 17.96 -11.83 8.72
N THR A 83 17.27 -10.79 8.22
CA THR A 83 16.24 -10.97 7.16
C THR A 83 16.97 -11.31 5.85
N GLU A 84 18.09 -10.65 5.55
CA GLU A 84 18.87 -10.83 4.29
C GLU A 84 19.52 -12.23 4.27
N ALA A 85 19.83 -12.81 5.44
CA ALA A 85 20.26 -14.23 5.57
C ALA A 85 19.14 -15.16 5.08
N GLU A 86 17.87 -14.75 5.15
CA GLU A 86 16.73 -15.51 4.56
C GLU A 86 16.50 -15.11 3.07
N GLY A 87 17.43 -14.43 2.42
CA GLY A 87 17.33 -14.17 0.97
C GLY A 87 16.34 -13.05 0.65
N LEU A 88 15.86 -13.02 -0.59
CA LEU A 88 14.96 -11.95 -1.10
C LEU A 88 13.60 -12.02 -0.38
N ALA A 89 13.05 -13.21 -0.17
CA ALA A 89 11.73 -13.40 0.45
C ALA A 89 11.76 -12.80 1.84
N GLY A 90 12.90 -12.96 2.54
CA GLY A 90 13.10 -12.47 3.92
C GLY A 90 13.13 -10.95 3.95
N THR A 91 13.97 -10.36 3.10
CA THR A 91 14.09 -8.89 2.89
C THR A 91 12.71 -8.30 2.55
N ARG A 92 12.02 -8.88 1.56
CA ARG A 92 10.69 -8.36 1.14
C ARG A 92 9.70 -8.43 2.28
N LYS A 93 9.65 -9.55 3.01
CA LYS A 93 8.66 -9.71 4.10
C LYS A 93 8.95 -8.61 5.12
N ALA A 94 10.21 -8.42 5.48
CA ALA A 94 10.58 -7.41 6.50
C ALA A 94 10.24 -6.00 5.99
N GLN A 95 10.67 -5.60 4.77
CA GLN A 95 10.30 -4.29 4.17
C GLN A 95 8.76 -4.06 4.28
N ARG A 96 7.97 -5.01 3.83
CA ARG A 96 6.50 -4.90 3.83
C ARG A 96 5.91 -4.61 5.21
N GLU A 97 6.39 -5.28 6.26
CA GLU A 97 5.96 -5.02 7.65
C GLU A 97 6.26 -3.55 8.04
N ALA A 98 7.41 -2.99 7.64
CA ALA A 98 7.82 -1.62 8.03
C ALA A 98 6.90 -0.64 7.26
N TYR A 99 6.91 -0.72 5.92
CA TYR A 99 6.18 0.21 5.02
C TYR A 99 4.69 0.18 5.38
N THR A 100 4.15 -0.96 5.79
CA THR A 100 2.68 -1.13 5.96
C THR A 100 2.23 -0.34 7.19
N TRP A 101 2.98 -0.36 8.26
CA TRP A 101 2.53 0.36 9.48
C TRP A 101 2.80 1.84 9.33
N TRP A 102 3.88 2.24 8.63
CA TRP A 102 4.10 3.67 8.35
C TRP A 102 2.91 4.21 7.55
N GLU A 103 2.42 3.48 6.54
CA GLU A 103 1.27 3.91 5.71
C GLU A 103 -0.02 3.95 6.55
N ARG A 104 -0.27 2.92 7.38
CA ARG A 104 -1.42 2.86 8.31
C ARG A 104 -1.42 4.17 9.12
N LEU A 105 -0.28 4.59 9.64
CA LEU A 105 -0.17 5.82 10.49
C LEU A 105 -0.35 7.06 9.60
N ARG A 106 0.25 7.06 8.40
CA ARG A 106 0.21 8.23 7.47
C ARG A 106 -1.26 8.60 7.18
N TRP A 107 -2.12 7.60 6.95
CA TRP A 107 -3.53 7.75 6.52
C TRP A 107 -4.47 7.39 7.65
N TYR A 108 -4.03 7.56 8.89
CA TYR A 108 -4.82 7.18 10.09
C TYR A 108 -6.16 7.94 10.14
N GLN A 109 -7.18 7.26 10.68
CA GLN A 109 -8.53 7.85 10.84
C GLN A 109 -8.45 8.98 11.84
N LYS A 110 -7.55 8.91 12.79
CA LYS A 110 -7.51 9.96 13.84
C LYS A 110 -6.25 10.80 13.64
N PRO A 111 -6.27 12.08 14.08
CA PRO A 111 -5.08 12.90 14.04
C PRO A 111 -3.95 12.27 14.85
N THR A 112 -2.71 12.40 14.33
CA THR A 112 -1.48 11.77 14.83
C THR A 112 -0.46 12.85 15.19
N ILE A 113 0.24 12.59 16.28
CA ILE A 113 1.26 13.50 16.85
C ILE A 113 2.52 12.75 17.21
N ALA A 114 3.65 13.23 16.72
CA ALA A 114 4.96 12.71 17.12
C ALA A 114 5.47 13.56 18.28
N MET A 115 5.77 12.92 19.38
CA MET A 115 6.37 13.58 20.57
C MET A 115 7.80 13.08 20.67
N VAL A 116 8.76 13.86 20.14
CA VAL A 116 10.15 13.41 19.86
C VAL A 116 11.07 14.03 20.94
N HIS A 117 11.31 13.30 22.03
CA HIS A 117 12.06 13.75 23.23
C HIS A 117 13.58 13.53 23.00
N GLY A 118 13.91 12.64 22.08
CA GLY A 118 15.28 12.11 21.95
C GLY A 118 15.60 11.79 20.50
N TRP A 119 16.56 10.89 20.31
CA TRP A 119 17.19 10.54 19.00
C TRP A 119 16.08 10.11 18.05
N CYS A 120 16.11 10.67 16.84
CA CYS A 120 15.25 10.27 15.69
C CYS A 120 16.17 10.13 14.47
N PHE A 121 16.45 8.90 14.05
CA PHE A 121 17.48 8.58 13.02
C PHE A 121 16.86 7.70 11.95
N GLY A 122 17.20 8.01 10.70
CA GLY A 122 17.14 7.07 9.57
C GLY A 122 15.71 6.66 9.30
N GLY A 123 15.47 5.36 9.36
CA GLY A 123 14.12 4.75 9.26
C GLY A 123 13.06 5.35 10.17
N ALA A 124 13.40 6.08 11.24
CA ALA A 124 12.39 6.78 12.05
C ALA A 124 11.70 7.91 11.24
N TYR A 125 12.23 8.32 10.09
CA TYR A 125 11.72 9.50 9.35
C TYR A 125 10.40 9.11 8.70
N GLY A 126 10.18 7.85 8.37
CA GLY A 126 8.88 7.39 7.82
C GLY A 126 7.76 7.66 8.84
N PRO A 127 7.86 7.09 10.06
CA PRO A 127 6.91 7.35 11.13
C PRO A 127 6.81 8.83 11.47
N LEU A 128 7.93 9.54 11.48
CA LEU A 128 7.89 11.00 11.80
C LEU A 128 7.02 11.72 10.77
N PHE A 129 7.18 11.37 9.50
CA PHE A 129 6.41 12.02 8.42
C PHE A 129 4.93 11.60 8.50
N ALA A 130 4.71 10.38 8.95
CA ALA A 130 3.38 9.74 8.95
C ALA A 130 2.52 10.37 10.06
N CYS A 131 3.16 10.90 11.11
CA CYS A 131 2.47 11.76 12.10
C CYS A 131 2.08 13.09 11.44
N ASP A 132 0.85 13.54 11.63
CA ASP A 132 0.40 14.83 11.05
C ASP A 132 1.19 15.99 11.67
N LEU A 133 1.31 16.00 12.99
CA LEU A 133 2.07 17.06 13.69
C LEU A 133 3.22 16.43 14.47
N ALA A 134 4.22 17.24 14.80
CA ALA A 134 5.46 16.78 15.45
C ALA A 134 5.97 17.87 16.38
N PHE A 135 6.30 17.47 17.61
CA PHE A 135 6.79 18.40 18.65
C PHE A 135 8.04 17.75 19.20
N ALA A 136 9.11 18.50 19.34
CA ALA A 136 10.44 18.00 19.71
C ALA A 136 10.92 18.70 20.98
N ALA A 137 11.70 17.95 21.74
CA ALA A 137 12.58 18.45 22.82
C ALA A 137 13.74 19.18 22.15
N ASP A 138 14.14 20.31 22.72
CA ASP A 138 15.39 21.03 22.33
C ASP A 138 16.53 20.01 22.28
N GLU A 139 16.52 19.04 23.21
CA GLU A 139 17.63 18.05 23.37
C GLU A 139 17.55 16.95 22.30
N ALA A 140 16.41 16.80 21.61
CA ALA A 140 16.24 15.80 20.53
C ALA A 140 17.34 16.00 19.44
N GLN A 141 17.72 14.94 18.74
CA GLN A 141 18.65 14.99 17.59
C GLN A 141 17.99 14.23 16.45
N PHE A 142 17.92 14.86 15.29
CA PHE A 142 17.36 14.25 14.06
C PHE A 142 18.54 14.08 13.08
N GLY A 143 18.67 12.92 12.48
CA GLY A 143 19.80 12.67 11.55
C GLY A 143 19.42 11.60 10.56
N LEU A 144 19.79 11.81 9.30
CA LEU A 144 19.91 10.74 8.26
C LEU A 144 21.36 10.25 8.30
N SER A 145 21.67 9.25 9.13
CA SER A 145 23.06 8.73 9.29
C SER A 145 23.35 7.63 8.25
N GLU A 146 22.42 7.32 7.35
CA GLU A 146 22.59 6.22 6.37
C GLU A 146 23.89 6.45 5.61
N VAL A 147 24.11 7.65 5.11
CA VAL A 147 25.32 7.97 4.31
C VAL A 147 26.54 7.50 5.13
N ASN A 148 26.45 7.59 6.47
CA ASN A 148 27.59 7.31 7.39
C ASN A 148 27.72 5.81 7.69
N TRP A 149 26.81 4.97 7.17
CA TRP A 149 27.10 3.52 7.11
C TRP A 149 26.91 3.00 5.67
N GLY A 150 27.06 3.90 4.68
CA GLY A 150 27.30 3.55 3.26
C GLY A 150 26.03 3.20 2.49
N ILE A 151 24.83 3.51 3.00
CA ILE A 151 23.54 3.32 2.26
C ILE A 151 22.83 4.65 2.06
N LEU A 152 21.98 4.66 1.03
CA LEU A 152 20.97 5.69 0.66
C LEU A 152 20.00 5.85 1.81
N PRO A 153 19.50 7.06 2.11
CA PRO A 153 18.39 7.22 3.07
C PRO A 153 17.10 6.57 2.52
N GLY A 154 16.86 5.32 2.92
CA GLY A 154 15.73 4.50 2.42
C GLY A 154 14.50 4.61 3.31
N GLY A 155 13.57 3.66 3.17
CA GLY A 155 12.30 3.70 3.90
C GLY A 155 11.60 5.04 3.68
N GLY A 156 11.82 5.64 2.50
CA GLY A 156 11.23 6.92 2.12
C GLY A 156 11.91 8.12 2.74
N ALA A 157 12.95 7.94 3.54
CA ALA A 157 13.50 9.03 4.36
C ALA A 157 14.00 10.18 3.45
N THR A 158 14.56 9.89 2.28
CA THR A 158 15.00 10.97 1.36
C THR A 158 13.78 11.86 1.02
N LYS A 159 12.65 11.24 0.72
CA LYS A 159 11.43 11.95 0.32
C LYS A 159 10.88 12.73 1.52
N VAL A 160 11.00 12.16 2.71
CA VAL A 160 10.54 12.86 3.94
C VAL A 160 11.31 14.16 4.04
N ALA A 161 12.64 14.10 3.94
CA ALA A 161 13.50 15.31 4.04
C ALA A 161 13.11 16.35 2.96
N VAL A 162 12.86 15.90 1.74
CA VAL A 162 12.50 16.79 0.61
C VAL A 162 11.07 17.34 0.76
N ASP A 163 10.13 16.60 1.33
CA ASP A 163 8.72 17.01 1.44
C ASP A 163 8.57 17.99 2.62
N LEU A 164 9.47 17.99 3.61
CA LEU A 164 9.27 18.85 4.80
C LEU A 164 10.23 20.03 4.84
N MET A 165 11.43 19.87 4.32
CA MET A 165 12.48 20.87 4.54
C MET A 165 12.78 21.54 3.20
N PRO A 166 13.41 22.72 3.18
CA PRO A 166 13.84 23.32 1.92
C PRO A 166 14.93 22.46 1.24
N MET A 167 14.91 22.44 -0.10
CA MET A 167 15.79 21.58 -0.93
C MET A 167 17.26 21.66 -0.47
N ARG A 168 17.83 22.83 -0.22
CA ARG A 168 19.27 22.92 0.17
C ARG A 168 19.48 22.20 1.48
N VAL A 169 18.56 22.41 2.41
CA VAL A 169 18.63 21.85 3.79
C VAL A 169 18.56 20.34 3.62
N ALA A 170 17.61 19.84 2.86
CA ALA A 170 17.43 18.40 2.64
C ALA A 170 18.71 17.80 2.06
N MET A 171 19.36 18.48 1.11
CA MET A 171 20.55 17.94 0.41
C MET A 171 21.71 17.84 1.42
N TYR A 172 21.93 18.85 2.24
CA TYR A 172 23.00 18.87 3.27
C TYR A 172 22.75 17.73 4.26
N HIS A 173 21.49 17.65 4.71
CA HIS A 173 21.03 16.65 5.70
C HIS A 173 21.35 15.24 5.20
N ALA A 174 21.01 14.92 3.96
CA ALA A 174 21.14 13.56 3.42
C ALA A 174 22.61 13.24 3.11
N MET A 175 23.35 14.21 2.56
CA MET A 175 24.75 14.02 2.09
C MET A 175 25.75 14.02 3.24
N MET A 176 25.55 14.80 4.30
CA MET A 176 26.60 15.10 5.30
C MET A 176 26.35 14.25 6.55
N GLY A 177 25.11 13.76 6.71
CA GLY A 177 24.74 12.86 7.79
C GLY A 177 25.01 13.51 9.14
N GLU A 178 24.94 14.84 9.22
CA GLU A 178 25.05 15.59 10.49
C GLU A 178 23.65 15.66 11.14
N ASN A 179 23.59 15.89 12.44
CA ASN A 179 22.34 15.93 13.22
C ASN A 179 21.83 17.37 13.24
N LEU A 180 20.52 17.52 13.23
CA LEU A 180 19.81 18.79 13.55
C LEU A 180 19.38 18.67 15.02
N SER A 181 19.57 19.73 15.83
CA SER A 181 18.89 19.89 17.15
C SER A 181 17.38 20.01 16.96
N GLY A 182 16.61 19.88 18.05
CA GLY A 182 15.18 20.19 18.06
C GLY A 182 14.92 21.57 17.52
N GLN A 183 15.66 22.59 17.96
CA GLN A 183 15.37 23.98 17.54
C GLN A 183 15.62 24.11 16.03
N ASP A 184 16.66 23.45 15.49
CA ASP A 184 16.96 23.49 14.03
C ASP A 184 15.86 22.69 13.30
N ALA A 185 15.42 21.57 13.85
CA ALA A 185 14.35 20.76 13.22
C ALA A 185 13.05 21.58 13.15
N ALA A 186 12.81 22.49 14.10
CA ALA A 186 11.65 23.42 14.04
C ALA A 186 11.90 24.48 12.98
N ARG A 187 13.09 25.10 12.95
CA ARG A 187 13.45 26.19 12.01
C ARG A 187 13.25 25.69 10.57
N TYR A 188 13.64 24.45 10.31
CA TYR A 188 13.59 23.87 8.93
C TYR A 188 12.31 23.10 8.66
N ASN A 189 11.38 23.09 9.61
CA ASN A 189 10.00 22.58 9.49
C ASN A 189 9.98 21.05 9.39
N LEU A 190 10.99 20.35 9.90
CA LEU A 190 10.90 18.88 10.05
C LEU A 190 9.85 18.59 11.12
N VAL A 191 9.76 19.47 12.12
CA VAL A 191 8.71 19.41 13.17
C VAL A 191 8.04 20.78 13.26
N ASN A 192 6.95 20.86 14.01
CA ASN A 192 6.17 22.10 14.20
C ASN A 192 6.82 23.00 15.23
N GLU A 193 7.38 22.44 16.29
CA GLU A 193 7.84 23.26 17.44
C GLU A 193 8.87 22.47 18.24
N SER A 194 9.77 23.19 18.88
CA SER A 194 10.78 22.63 19.79
C SER A 194 10.63 23.40 21.11
N MET A 195 10.78 22.71 22.22
CA MET A 195 10.77 23.36 23.56
C MET A 195 11.61 22.51 24.50
N PRO A 196 11.95 23.04 25.70
CA PRO A 196 12.68 22.23 26.66
C PRO A 196 11.88 20.96 26.95
N ALA A 197 12.60 19.83 27.08
CA ALA A 197 12.06 18.46 27.34
C ALA A 197 10.93 18.50 28.38
N ASP A 198 11.11 19.25 29.47
CA ASP A 198 10.21 19.17 30.65
C ASP A 198 8.89 19.92 30.37
N GLN A 199 8.75 20.57 29.21
CA GLN A 199 7.48 21.22 28.77
C GLN A 199 6.83 20.40 27.64
N LEU A 200 7.50 19.37 27.15
CA LEU A 200 7.08 18.77 25.85
C LEU A 200 5.79 17.98 26.06
N LYS A 201 5.70 17.16 27.09
CA LYS A 201 4.48 16.37 27.32
C LYS A 201 3.26 17.27 27.59
N ALA A 202 3.39 18.34 28.35
CA ALA A 202 2.30 19.33 28.60
C ALA A 202 1.84 19.98 27.27
N ARG A 203 2.79 20.33 26.40
CA ARG A 203 2.42 20.98 25.11
C ARG A 203 1.66 19.97 24.23
N VAL A 204 2.16 18.73 24.17
CA VAL A 204 1.54 17.72 23.27
C VAL A 204 0.14 17.45 23.81
N LYS A 205 0.04 17.28 25.12
CA LYS A 205 -1.26 17.02 25.81
C LYS A 205 -2.24 18.14 25.44
N GLN A 206 -1.81 19.41 25.49
CA GLN A 206 -2.65 20.60 25.16
C GLN A 206 -3.14 20.50 23.73
N VAL A 207 -2.25 20.11 22.81
CA VAL A 207 -2.57 20.10 21.35
C VAL A 207 -3.60 19.00 21.14
N ALA A 208 -3.40 17.83 21.77
CA ALA A 208 -4.32 16.67 21.66
C ALA A 208 -5.73 17.09 22.14
N GLU A 209 -5.81 17.75 23.30
CA GLU A 209 -7.10 18.18 23.92
C GLU A 209 -7.81 19.17 23.01
N THR A 210 -7.06 20.03 22.31
CA THR A 210 -7.64 21.00 21.37
C THR A 210 -8.26 20.25 20.20
N LEU A 211 -7.57 19.25 19.69
CA LEU A 211 -8.09 18.50 18.49
C LEU A 211 -9.34 17.73 18.92
N ILE A 212 -9.38 17.14 20.11
CA ILE A 212 -10.54 16.28 20.46
C ILE A 212 -11.82 17.13 20.63
N GLN A 213 -11.71 18.43 20.87
CA GLN A 213 -12.85 19.37 20.99
C GLN A 213 -13.42 19.70 19.60
N LYS A 214 -12.66 19.54 18.51
CA LYS A 214 -13.18 19.76 17.15
C LYS A 214 -14.04 18.58 16.70
N ASN A 215 -14.76 18.75 15.60
CA ASN A 215 -15.53 17.67 14.93
C ASN A 215 -14.49 16.68 14.37
N TRP A 216 -14.53 15.41 14.80
CA TRP A 216 -13.46 14.42 14.52
C TRP A 216 -13.41 14.15 13.01
N ALA A 217 -14.56 14.02 12.36
CA ALA A 217 -14.66 13.78 10.90
C ALA A 217 -14.05 14.95 10.10
N THR A 218 -14.24 16.19 10.54
CA THR A 218 -13.75 17.40 9.87
C THR A 218 -12.23 17.41 9.95
N VAL A 219 -11.69 17.02 11.10
CA VAL A 219 -10.22 16.94 11.33
C VAL A 219 -9.61 15.88 10.41
N LYS A 220 -10.28 14.74 10.25
CA LYS A 220 -9.78 13.62 9.39
C LYS A 220 -9.71 14.11 7.94
N TYR A 221 -10.78 14.70 7.44
CA TYR A 221 -10.87 15.17 6.03
C TYR A 221 -9.83 16.26 5.79
N THR A 222 -9.67 17.20 6.73
CA THR A 222 -8.72 18.34 6.60
C THR A 222 -7.28 17.79 6.52
N LYS A 223 -6.87 16.90 7.43
CA LYS A 223 -5.47 16.39 7.48
C LYS A 223 -5.17 15.62 6.18
N ASP A 224 -6.11 14.79 5.76
CA ASP A 224 -6.02 14.10 4.45
C ASP A 224 -5.88 15.13 3.31
N ALA A 225 -6.73 16.14 3.26
CA ALA A 225 -6.69 17.13 2.16
C ALA A 225 -5.29 17.75 2.13
N VAL A 226 -4.76 18.17 3.27
CA VAL A 226 -3.41 18.77 3.33
C VAL A 226 -2.41 17.84 2.63
N ARG A 227 -2.42 16.55 2.95
CA ARG A 227 -1.39 15.62 2.45
C ARG A 227 -1.63 15.44 0.95
N ARG A 228 -2.90 15.31 0.55
CA ARG A 228 -3.28 14.96 -0.86
C ARG A 228 -3.03 16.15 -1.82
N VAL A 229 -3.40 17.40 -1.47
CA VAL A 229 -3.37 18.51 -2.47
C VAL A 229 -1.91 18.94 -2.76
N LYS A 230 -0.94 18.55 -1.93
CA LYS A 230 0.52 18.57 -2.23
C LYS A 230 0.81 17.97 -3.62
N GLU A 231 0.15 16.88 -4.00
CA GLU A 231 0.44 16.07 -5.23
C GLU A 231 -0.59 16.36 -6.33
N MET A 232 -1.15 17.58 -6.34
CA MET A 232 -2.10 18.07 -7.35
C MET A 232 -1.70 19.46 -7.81
N THR A 233 -2.07 19.78 -9.04
CA THR A 233 -2.06 21.19 -9.54
C THR A 233 -3.13 22.00 -8.75
N TYR A 234 -2.95 23.31 -8.68
CA TYR A 234 -3.93 24.24 -8.01
C TYR A 234 -5.33 24.00 -8.56
N ASP A 235 -5.46 23.97 -9.89
CA ASP A 235 -6.75 23.82 -10.57
C ASP A 235 -7.41 22.50 -10.14
N ASN A 236 -6.69 21.37 -10.16
CA ASN A 236 -7.28 20.07 -9.77
C ASN A 236 -7.58 20.02 -8.26
N ALA A 237 -6.76 20.65 -7.45
CA ALA A 237 -6.98 20.72 -6.00
C ALA A 237 -8.29 21.48 -5.69
N GLU A 238 -8.64 22.53 -6.45
CA GLU A 238 -9.87 23.34 -6.21
C GLU A 238 -11.08 22.41 -6.28
N ASP A 239 -11.18 21.65 -7.37
CA ASP A 239 -12.33 20.73 -7.57
C ASP A 239 -12.27 19.64 -6.50
N TYR A 240 -11.09 19.06 -6.26
CA TYR A 240 -10.92 18.00 -5.24
C TYR A 240 -11.57 18.42 -3.91
N LEU A 241 -11.28 19.64 -3.42
CA LEU A 241 -11.75 20.06 -2.08
C LEU A 241 -13.29 20.16 -2.03
N ILE A 242 -13.92 20.45 -3.17
CA ILE A 242 -15.41 20.44 -3.32
C ILE A 242 -15.88 18.99 -3.14
N ARG A 243 -15.27 18.06 -3.87
CA ARG A 243 -15.67 16.63 -3.75
C ARG A 243 -15.46 16.14 -2.29
N LEU A 244 -14.34 16.45 -1.65
CA LEU A 244 -14.11 16.09 -0.24
C LEU A 244 -15.27 16.59 0.65
N GLN A 245 -15.71 17.83 0.47
CA GLN A 245 -16.75 18.43 1.37
C GLN A 245 -18.07 17.67 1.23
N GLU A 246 -18.41 17.20 0.02
CA GLU A 246 -19.59 16.35 -0.29
C GLU A 246 -19.46 15.03 0.49
N GLY A 247 -18.27 14.39 0.53
CA GLY A 247 -17.92 13.23 1.38
C GLY A 247 -18.13 13.52 2.85
N LEU A 248 -17.63 14.67 3.35
CA LEU A 248 -17.76 15.05 4.78
C LEU A 248 -19.24 15.25 5.13
N ASN A 249 -20.03 15.78 4.20
CA ASN A 249 -21.48 16.03 4.45
C ASN A 249 -22.13 14.68 4.77
N TRP A 250 -21.68 13.60 4.15
CA TRP A 250 -22.26 12.24 4.33
C TRP A 250 -21.86 11.71 5.70
N PHE A 251 -20.57 11.79 6.02
CA PHE A 251 -19.98 11.30 7.30
C PHE A 251 -20.48 12.12 8.50
N ASP A 252 -20.72 13.42 8.33
CA ASP A 252 -21.29 14.29 9.39
C ASP A 252 -22.81 14.38 9.23
N GLU B 9 -18.42 -21.48 2.74
CA GLU B 9 -18.17 -21.94 4.14
C GLU B 9 -16.69 -21.68 4.47
N ARG B 10 -15.75 -22.48 3.97
CA ARG B 10 -14.38 -22.52 4.52
C ARG B 10 -13.50 -21.50 3.79
N GLU B 11 -12.80 -20.67 4.56
CA GLU B 11 -11.91 -19.62 3.99
C GLU B 11 -10.85 -20.28 3.09
N GLU B 12 -10.23 -21.37 3.55
CA GLU B 12 -9.14 -22.09 2.84
C GLU B 12 -9.62 -22.67 1.50
N ASP B 13 -10.91 -22.85 1.27
CA ASP B 13 -11.42 -23.45 0.00
C ASP B 13 -11.75 -22.40 -1.09
N THR B 14 -11.63 -21.10 -0.81
CA THR B 14 -12.14 -20.03 -1.72
C THR B 14 -11.20 -19.78 -2.91
N VAL B 15 -9.98 -20.30 -2.83
CA VAL B 15 -8.87 -20.23 -3.82
C VAL B 15 -8.21 -21.62 -3.87
N ARG B 16 -7.91 -22.12 -5.06
CA ARG B 16 -7.08 -23.34 -5.21
C ARG B 16 -5.96 -23.04 -6.19
N TYR B 17 -4.95 -23.88 -6.20
CA TYR B 17 -3.82 -23.74 -7.13
C TYR B 17 -3.20 -25.10 -7.38
N GLU B 18 -2.57 -25.22 -8.54
CA GLU B 18 -1.71 -26.37 -8.93
C GLU B 18 -0.43 -25.84 -9.57
N ILE B 19 0.73 -26.40 -9.22
CA ILE B 19 2.01 -26.06 -9.91
C ILE B 19 2.19 -27.08 -11.03
N VAL B 20 2.31 -26.63 -12.28
CA VAL B 20 2.60 -27.50 -13.46
C VAL B 20 3.73 -26.87 -14.28
N ASN B 21 4.86 -27.58 -14.44
CA ASN B 21 6.03 -27.14 -15.24
C ASN B 21 6.44 -25.74 -14.75
N ASN B 22 6.50 -25.53 -13.44
CA ASN B 22 6.98 -24.29 -12.76
C ASN B 22 6.05 -23.10 -13.05
N VAL B 23 4.83 -23.36 -13.52
CA VAL B 23 3.73 -22.37 -13.62
C VAL B 23 2.76 -22.67 -12.49
N ALA B 24 2.49 -21.66 -11.65
CA ALA B 24 1.38 -21.65 -10.67
C ALA B 24 0.09 -21.25 -11.38
N TRP B 25 -0.84 -22.20 -11.49
CA TRP B 25 -2.20 -22.00 -12.02
C TRP B 25 -3.09 -21.77 -10.80
N VAL B 26 -3.48 -20.51 -10.57
CA VAL B 26 -4.27 -20.13 -9.36
C VAL B 26 -5.67 -19.85 -9.84
N TYR B 27 -6.69 -20.26 -9.07
CA TYR B 27 -8.10 -20.11 -9.50
C TYR B 27 -8.93 -19.52 -8.38
N TYR B 28 -9.68 -18.47 -8.67
CA TYR B 28 -10.88 -18.13 -7.87
C TYR B 28 -11.67 -19.44 -7.72
N ASN B 29 -12.04 -19.80 -6.50
CA ASN B 29 -12.68 -21.11 -6.22
C ASN B 29 -13.99 -20.92 -5.45
N ARG B 30 -14.91 -20.08 -5.97
CA ARG B 30 -16.33 -20.00 -5.50
C ARG B 30 -17.26 -20.08 -6.68
N PRO B 31 -17.20 -21.17 -7.49
CA PRO B 31 -17.88 -21.19 -8.80
C PRO B 31 -19.40 -20.96 -8.78
N THR B 32 -20.08 -21.30 -7.69
CA THR B 32 -21.56 -21.25 -7.56
C THR B 32 -21.98 -19.81 -7.24
N LYS B 33 -21.02 -19.02 -6.74
CA LYS B 33 -21.17 -17.59 -6.41
C LYS B 33 -20.41 -16.74 -7.42
N ARG B 34 -20.15 -17.28 -8.61
CA ARG B 34 -19.52 -16.58 -9.76
C ARG B 34 -18.20 -15.94 -9.31
N ASN B 35 -17.44 -16.66 -8.48
CA ASN B 35 -16.10 -16.27 -7.94
C ASN B 35 -16.14 -14.80 -7.49
N ALA B 36 -17.26 -14.35 -6.92
CA ALA B 36 -17.36 -13.01 -6.29
C ALA B 36 -16.27 -12.93 -5.21
N GLN B 37 -15.69 -11.75 -5.03
CA GLN B 37 -14.61 -11.49 -4.06
C GLN B 37 -15.25 -11.19 -2.71
N SER B 38 -15.23 -12.15 -1.80
CA SER B 38 -15.73 -11.99 -0.41
C SER B 38 -14.49 -11.69 0.42
N PRO B 39 -14.63 -11.13 1.66
CA PRO B 39 -13.47 -11.02 2.53
C PRO B 39 -12.67 -12.34 2.69
N LYS B 40 -13.38 -13.47 2.85
CA LYS B 40 -12.73 -14.79 2.94
C LYS B 40 -11.83 -15.00 1.72
N LEU B 41 -12.35 -14.84 0.50
CA LEU B 41 -11.53 -15.03 -0.72
C LEU B 41 -10.35 -14.04 -0.74
N ASN B 42 -10.63 -12.80 -0.37
CA ASN B 42 -9.60 -11.72 -0.35
C ASN B 42 -8.45 -12.11 0.58
N ARG B 43 -8.74 -12.65 1.76
CA ARG B 43 -7.70 -13.01 2.76
C ARG B 43 -6.95 -14.25 2.28
N GLN B 44 -7.63 -15.15 1.59
CA GLN B 44 -7.02 -16.45 1.18
C GLN B 44 -6.19 -16.21 -0.09
N MET B 45 -6.63 -15.31 -0.97
CA MET B 45 -5.86 -14.96 -2.17
C MET B 45 -4.53 -14.36 -1.72
N LEU B 46 -4.58 -13.46 -0.76
CA LEU B 46 -3.33 -12.85 -0.28
C LEU B 46 -2.40 -13.96 0.22
N LYS B 47 -2.87 -14.82 1.11
CA LYS B 47 -2.11 -15.98 1.65
C LYS B 47 -1.43 -16.76 0.51
N VAL B 48 -2.22 -17.16 -0.48
CA VAL B 48 -1.74 -18.01 -1.59
C VAL B 48 -0.67 -17.26 -2.37
N LEU B 49 -0.94 -16.00 -2.72
CA LEU B 49 0.00 -15.23 -3.54
C LEU B 49 1.27 -15.06 -2.75
N THR B 50 1.18 -14.76 -1.45
CA THR B 50 2.36 -14.46 -0.61
C THR B 50 3.24 -15.72 -0.55
N GLU B 51 2.60 -16.88 -0.43
CA GLU B 51 3.28 -18.21 -0.29
C GLU B 51 3.97 -18.62 -1.60
N LEU B 52 3.40 -18.36 -2.76
CA LEU B 52 3.99 -18.78 -4.06
C LEU B 52 5.10 -17.82 -4.54
N GLU B 53 5.08 -16.57 -4.10
CA GLU B 53 5.79 -15.48 -4.84
C GLU B 53 7.29 -15.75 -4.96
N PHE B 54 7.95 -16.24 -3.90
CA PHE B 54 9.42 -16.35 -3.85
C PHE B 54 9.85 -17.82 -3.91
N ARG B 55 8.98 -18.70 -4.37
CA ARG B 55 9.32 -20.12 -4.66
C ARG B 55 10.20 -20.20 -5.90
N ASP B 56 11.35 -20.86 -5.78
CA ASP B 56 12.37 -20.95 -6.86
C ASP B 56 11.87 -21.89 -7.96
N ASP B 57 10.80 -22.64 -7.72
CA ASP B 57 10.17 -23.53 -8.75
C ASP B 57 8.92 -22.90 -9.39
N VAL B 58 8.54 -21.67 -9.03
CA VAL B 58 7.40 -20.94 -9.67
C VAL B 58 7.97 -19.79 -10.49
N GLY B 59 7.87 -19.88 -11.81
CA GLY B 59 8.38 -18.85 -12.73
C GLY B 59 7.31 -17.90 -13.19
N VAL B 60 6.06 -18.32 -13.12
CA VAL B 60 4.92 -17.57 -13.74
C VAL B 60 3.68 -17.94 -12.92
N LEU B 61 2.74 -17.02 -12.77
CA LEU B 61 1.44 -17.25 -12.11
C LEU B 61 0.35 -16.87 -13.10
N VAL B 62 -0.61 -17.78 -13.27
CA VAL B 62 -1.81 -17.57 -14.10
C VAL B 62 -2.99 -17.49 -13.15
N LEU B 63 -3.85 -16.48 -13.33
CA LEU B 63 -5.08 -16.31 -12.52
C LEU B 63 -6.26 -16.70 -13.38
N GLY B 64 -6.97 -17.74 -12.95
CA GLY B 64 -8.17 -18.25 -13.62
C GLY B 64 -9.32 -18.36 -12.64
N GLY B 65 -10.45 -18.84 -13.13
CA GLY B 65 -11.70 -18.96 -12.38
C GLY B 65 -12.35 -20.31 -12.66
N GLU B 66 -12.94 -20.93 -11.64
CA GLU B 66 -13.78 -22.15 -11.79
C GLU B 66 -15.21 -21.69 -12.14
N GLY B 67 -15.99 -22.47 -12.91
CA GLY B 67 -17.40 -22.19 -13.25
C GLY B 67 -17.51 -21.27 -14.46
N PRO B 68 -18.71 -20.69 -14.76
CA PRO B 68 -18.86 -19.83 -15.93
C PRO B 68 -18.25 -18.43 -15.78
N ALA B 69 -17.92 -18.01 -14.55
CA ALA B 69 -17.28 -16.70 -14.25
C ALA B 69 -15.76 -16.83 -14.16
N TRP B 70 -15.04 -15.83 -14.64
CA TRP B 70 -13.67 -15.54 -14.16
C TRP B 70 -13.82 -14.94 -12.76
N CYS B 71 -14.34 -13.73 -12.69
CA CYS B 71 -14.70 -13.07 -11.40
C CYS B 71 -15.84 -12.08 -11.66
N ALA B 72 -16.98 -12.27 -11.03
CA ALA B 72 -18.16 -11.38 -11.24
C ALA B 72 -18.09 -10.13 -10.34
N GLY B 73 -16.95 -9.80 -9.75
CA GLY B 73 -16.86 -8.58 -8.92
C GLY B 73 -16.81 -8.87 -7.45
N MET B 74 -17.17 -7.89 -6.62
CA MET B 74 -17.13 -8.05 -5.16
C MET B 74 -18.40 -8.80 -4.76
N ASP B 75 -18.33 -9.59 -3.69
CA ASP B 75 -19.52 -10.31 -3.15
C ASP B 75 -20.47 -9.27 -2.54
N LEU B 76 -21.65 -9.09 -3.10
CA LEU B 76 -22.53 -7.95 -2.72
C LEU B 76 -22.98 -8.18 -1.28
N LYS B 77 -23.18 -9.45 -0.87
CA LYS B 77 -23.54 -9.85 0.53
C LYS B 77 -22.33 -9.70 1.46
N GLU B 78 -21.25 -10.45 1.24
CA GLU B 78 -20.14 -10.61 2.23
C GLU B 78 -19.22 -9.40 2.19
N TYR B 79 -18.95 -8.78 1.04
CA TYR B 79 -18.01 -7.63 1.00
C TYR B 79 -18.75 -6.30 1.32
N PHE B 80 -19.97 -6.11 0.82
CA PHE B 80 -20.67 -4.79 0.97
C PHE B 80 -21.64 -4.78 2.17
N ARG B 81 -22.70 -5.58 2.13
CA ARG B 81 -23.78 -5.55 3.16
C ARG B 81 -23.24 -5.97 4.53
N GLU B 82 -22.64 -7.15 4.66
CA GLU B 82 -22.21 -7.69 5.97
C GLU B 82 -21.17 -6.75 6.60
N THR B 83 -20.33 -6.07 5.81
CA THR B 83 -19.19 -5.26 6.35
C THR B 83 -19.70 -3.87 6.78
N GLU B 84 -20.61 -3.28 6.00
CA GLU B 84 -21.25 -1.97 6.32
C GLU B 84 -22.05 -2.13 7.62
N ALA B 85 -22.68 -3.29 7.85
CA ALA B 85 -23.37 -3.62 9.13
C ALA B 85 -22.43 -3.35 10.31
N GLU B 86 -21.12 -3.60 10.17
CA GLU B 86 -20.08 -3.39 11.22
C GLU B 86 -19.50 -1.97 11.13
N GLY B 87 -20.23 -1.03 10.53
CA GLY B 87 -19.83 0.37 10.33
C GLY B 87 -18.44 0.54 9.72
N LEU B 88 -17.84 1.70 9.99
CA LEU B 88 -16.71 2.17 9.18
C LEU B 88 -15.53 1.21 9.37
N ALA B 89 -15.29 0.68 10.58
CA ALA B 89 -14.18 -0.23 10.90
C ALA B 89 -14.25 -1.44 9.98
N GLY B 90 -15.44 -2.05 9.87
CA GLY B 90 -15.75 -3.24 9.03
C GLY B 90 -15.51 -2.97 7.55
N THR B 91 -16.00 -1.83 7.05
CA THR B 91 -15.82 -1.38 5.64
C THR B 91 -14.34 -1.24 5.31
N ARG B 92 -13.59 -0.50 6.14
CA ARG B 92 -12.15 -0.25 5.95
C ARG B 92 -11.38 -1.58 6.01
N LYS B 93 -11.70 -2.47 6.95
CA LYS B 93 -11.01 -3.79 7.09
C LYS B 93 -11.22 -4.57 5.78
N ALA B 94 -12.43 -4.59 5.25
CA ALA B 94 -12.77 -5.31 4.02
C ALA B 94 -12.11 -4.67 2.78
N GLN B 95 -12.13 -3.35 2.64
CA GLN B 95 -11.42 -2.61 1.57
C GLN B 95 -9.93 -2.93 1.61
N ARG B 96 -9.28 -2.79 2.78
CA ARG B 96 -7.85 -3.11 2.92
C ARG B 96 -7.58 -4.52 2.41
N GLU B 97 -8.40 -5.52 2.76
CA GLU B 97 -8.11 -6.92 2.36
C GLU B 97 -8.15 -7.01 0.82
N ALA B 98 -9.09 -6.33 0.15
CA ALA B 98 -9.23 -6.35 -1.34
C ALA B 98 -8.02 -5.65 -1.97
N TYR B 99 -7.83 -4.36 -1.63
CA TYR B 99 -6.77 -3.51 -2.23
C TYR B 99 -5.39 -4.17 -2.05
N THR B 100 -5.15 -4.79 -0.88
CA THR B 100 -3.84 -5.38 -0.51
C THR B 100 -3.52 -6.55 -1.46
N TRP B 101 -4.46 -7.41 -1.80
CA TRP B 101 -4.06 -8.53 -2.69
C TRP B 101 -3.92 -8.09 -4.13
N TRP B 102 -4.76 -7.17 -4.60
CA TRP B 102 -4.62 -6.57 -5.96
C TRP B 102 -3.22 -5.99 -6.09
N GLU B 103 -2.77 -5.23 -5.10
CA GLU B 103 -1.43 -4.58 -5.10
C GLU B 103 -0.32 -5.67 -5.09
N ARG B 104 -0.44 -6.73 -4.28
CA ARG B 104 0.58 -7.80 -4.16
C ARG B 104 0.71 -8.40 -5.57
N LEU B 105 -0.43 -8.59 -6.23
CA LEU B 105 -0.45 -9.16 -7.61
C LEU B 105 0.17 -8.16 -8.58
N ARG B 106 -0.18 -6.87 -8.45
CA ARG B 106 0.22 -5.85 -9.45
C ARG B 106 1.75 -5.76 -9.48
N TRP B 107 2.42 -5.90 -8.33
CA TRP B 107 3.90 -5.77 -8.18
C TRP B 107 4.55 -7.13 -7.95
N TYR B 108 3.96 -8.19 -8.50
CA TYR B 108 4.40 -9.57 -8.18
C TYR B 108 5.85 -9.76 -8.62
N GLN B 109 6.60 -10.60 -7.89
CA GLN B 109 7.99 -10.95 -8.24
C GLN B 109 8.01 -11.70 -9.57
N LYS B 110 6.97 -12.46 -9.84
CA LYS B 110 6.91 -13.36 -11.01
C LYS B 110 5.96 -12.77 -12.03
N PRO B 111 6.16 -12.97 -13.35
CA PRO B 111 5.16 -12.57 -14.32
C PRO B 111 3.80 -13.22 -14.06
N THR B 112 2.75 -12.47 -14.38
CA THR B 112 1.33 -12.77 -14.08
C THR B 112 0.52 -12.66 -15.37
N ILE B 113 -0.42 -13.60 -15.50
CA ILE B 113 -1.28 -13.76 -16.69
C ILE B 113 -2.71 -13.99 -16.22
N ALA B 114 -3.67 -13.15 -16.68
CA ALA B 114 -5.11 -13.40 -16.44
C ALA B 114 -5.59 -14.29 -17.59
N MET B 115 -6.26 -15.38 -17.25
CA MET B 115 -6.87 -16.30 -18.24
C MET B 115 -8.38 -16.16 -18.10
N VAL B 116 -8.98 -15.30 -18.92
CA VAL B 116 -10.38 -14.83 -18.71
C VAL B 116 -11.34 -15.61 -19.63
N HIS B 117 -11.96 -16.68 -19.14
CA HIS B 117 -12.82 -17.61 -19.94
C HIS B 117 -14.27 -17.13 -19.89
N GLY B 118 -14.66 -16.36 -18.89
CA GLY B 118 -16.08 -16.03 -18.73
C GLY B 118 -16.22 -14.63 -18.18
N TRP B 119 -17.15 -14.45 -17.27
CA TRP B 119 -17.63 -13.12 -16.80
C TRP B 119 -16.48 -12.42 -16.08
N CYS B 120 -16.28 -11.15 -16.37
CA CYS B 120 -15.29 -10.29 -15.66
C CYS B 120 -16.01 -8.95 -15.41
N PHE B 121 -16.56 -8.73 -14.22
CA PHE B 121 -17.36 -7.50 -13.89
C PHE B 121 -16.73 -6.73 -12.74
N GLY B 122 -16.87 -5.39 -12.81
CA GLY B 122 -16.69 -4.47 -11.67
C GLY B 122 -15.37 -4.65 -10.96
N GLY B 123 -15.41 -4.96 -9.68
CA GLY B 123 -14.22 -5.19 -8.84
C GLY B 123 -13.22 -6.20 -9.41
N ALA B 124 -13.61 -7.03 -10.38
CA ALA B 124 -12.66 -7.94 -11.06
C ALA B 124 -11.59 -7.14 -11.85
N TYR B 125 -11.86 -5.89 -12.17
CA TYR B 125 -10.96 -5.04 -12.98
C TYR B 125 -9.63 -4.81 -12.28
N GLY B 126 -9.60 -4.64 -10.97
CA GLY B 126 -8.36 -4.60 -10.17
C GLY B 126 -7.40 -5.75 -10.49
N PRO B 127 -7.81 -6.99 -10.19
CA PRO B 127 -7.06 -8.18 -10.49
C PRO B 127 -6.73 -8.28 -11.98
N LEU B 128 -7.65 -7.90 -12.87
CA LEU B 128 -7.42 -7.91 -14.34
C LEU B 128 -6.19 -7.04 -14.69
N PHE B 129 -6.13 -5.83 -14.13
CA PHE B 129 -5.07 -4.84 -14.41
C PHE B 129 -3.74 -5.28 -13.73
N ALA B 130 -3.88 -5.92 -12.57
CA ALA B 130 -2.78 -6.37 -11.70
C ALA B 130 -2.05 -7.51 -12.40
N CYS B 131 -2.72 -8.31 -13.23
CA CYS B 131 -2.08 -9.24 -14.19
C CYS B 131 -1.32 -8.46 -15.28
N ASP B 132 -0.08 -8.85 -15.57
CA ASP B 132 0.78 -8.15 -16.57
C ASP B 132 0.17 -8.37 -17.97
N LEU B 133 -0.18 -9.62 -18.28
CA LEU B 133 -0.84 -10.01 -19.55
C LEU B 133 -2.20 -10.64 -19.26
N ALA B 134 -3.06 -10.69 -20.26
CA ALA B 134 -4.45 -11.13 -20.13
C ALA B 134 -4.89 -11.69 -21.47
N PHE B 135 -5.38 -12.90 -21.43
CA PHE B 135 -5.89 -13.61 -22.64
C PHE B 135 -7.35 -13.95 -22.33
N ALA B 136 -8.29 -13.65 -23.24
CA ALA B 136 -9.73 -13.88 -23.04
C ALA B 136 -10.20 -14.92 -24.04
N ALA B 137 -11.20 -15.68 -23.66
CA ALA B 137 -12.07 -16.39 -24.62
C ALA B 137 -12.96 -15.36 -25.34
N ASP B 138 -13.34 -15.64 -26.60
CA ASP B 138 -14.30 -14.83 -27.38
C ASP B 138 -15.64 -14.69 -26.63
N GLU B 139 -16.05 -15.72 -25.90
CA GLU B 139 -17.36 -15.76 -25.22
C GLU B 139 -17.20 -15.14 -23.82
N ALA B 140 -16.01 -14.71 -23.42
CA ALA B 140 -15.91 -13.90 -22.17
C ALA B 140 -16.75 -12.61 -22.32
N GLN B 141 -17.20 -12.04 -21.21
CA GLN B 141 -17.88 -10.72 -21.17
C GLN B 141 -17.22 -9.86 -20.10
N PHE B 142 -16.88 -8.63 -20.45
CA PHE B 142 -16.25 -7.63 -19.57
C PHE B 142 -17.22 -6.44 -19.44
N GLY B 143 -17.54 -6.02 -18.23
CA GLY B 143 -18.34 -4.79 -18.06
C GLY B 143 -18.15 -4.12 -16.72
N LEU B 144 -18.36 -2.82 -16.68
CA LEU B 144 -18.48 -2.04 -15.42
C LEU B 144 -19.98 -1.82 -15.22
N SER B 145 -20.63 -2.77 -14.57
CA SER B 145 -22.10 -2.76 -14.37
C SER B 145 -22.42 -1.89 -13.14
N GLU B 146 -21.39 -1.38 -12.44
CA GLU B 146 -21.53 -0.45 -11.27
C GLU B 146 -22.63 0.59 -11.50
N VAL B 147 -22.59 1.32 -12.63
CA VAL B 147 -23.54 2.44 -12.89
C VAL B 147 -24.98 1.91 -12.81
N ASN B 148 -25.23 0.69 -13.25
CA ASN B 148 -26.61 0.10 -13.24
C ASN B 148 -27.04 -0.24 -11.82
N TRP B 149 -26.11 -0.43 -10.87
CA TRP B 149 -26.38 -0.70 -9.45
C TRP B 149 -26.36 0.64 -8.67
N GLY B 150 -26.11 1.76 -9.36
CA GLY B 150 -26.14 3.14 -8.85
C GLY B 150 -24.86 3.55 -8.10
N ILE B 151 -23.75 2.81 -8.21
CA ILE B 151 -22.43 3.20 -7.63
C ILE B 151 -21.46 3.56 -8.79
N LEU B 152 -20.48 4.41 -8.50
CA LEU B 152 -19.22 4.67 -9.26
C LEU B 152 -18.45 3.38 -9.50
N PRO B 153 -17.75 3.20 -10.64
CA PRO B 153 -16.82 2.08 -10.78
C PRO B 153 -15.60 2.26 -9.85
N GLY B 154 -15.68 1.64 -8.67
CA GLY B 154 -14.70 1.70 -7.58
C GLY B 154 -13.69 0.57 -7.73
N GLY B 155 -12.89 0.41 -6.69
CA GLY B 155 -11.80 -0.58 -6.60
C GLY B 155 -10.76 -0.30 -7.67
N GLY B 156 -10.61 0.98 -8.02
CA GLY B 156 -9.72 1.47 -9.08
C GLY B 156 -10.24 1.12 -10.46
N ALA B 157 -11.44 0.53 -10.58
CA ALA B 157 -11.91 -0.06 -11.86
C ALA B 157 -12.06 1.06 -12.91
N THR B 158 -12.56 2.26 -12.54
CA THR B 158 -12.56 3.42 -13.48
C THR B 158 -11.16 3.77 -14.01
N LYS B 159 -10.15 3.79 -13.16
CA LYS B 159 -8.75 4.07 -13.59
C LYS B 159 -8.24 2.92 -14.48
N VAL B 160 -8.62 1.67 -14.20
CA VAL B 160 -8.17 0.51 -15.03
C VAL B 160 -8.67 0.74 -16.46
N ALA B 161 -9.94 1.14 -16.60
CA ALA B 161 -10.61 1.41 -17.90
C ALA B 161 -9.85 2.50 -18.65
N VAL B 162 -9.52 3.59 -17.97
CA VAL B 162 -8.84 4.78 -18.57
C VAL B 162 -7.37 4.45 -18.89
N ASP B 163 -6.72 3.60 -18.11
CA ASP B 163 -5.29 3.26 -18.26
C ASP B 163 -5.13 2.24 -19.42
N LEU B 164 -6.13 1.41 -19.68
CA LEU B 164 -6.01 0.31 -20.67
C LEU B 164 -6.65 0.70 -22.00
N MET B 165 -7.75 1.44 -21.99
CA MET B 165 -8.59 1.64 -23.19
C MET B 165 -8.57 3.11 -23.58
N PRO B 166 -8.87 3.43 -24.85
CA PRO B 166 -8.98 4.82 -25.30
C PRO B 166 -10.07 5.58 -24.49
N MET B 167 -9.86 6.86 -24.22
CA MET B 167 -10.73 7.62 -23.29
C MET B 167 -12.20 7.57 -23.72
N ARG B 168 -12.53 7.73 -25.01
CA ARG B 168 -13.94 7.61 -25.45
C ARG B 168 -14.49 6.24 -25.05
N VAL B 169 -13.70 5.19 -25.25
CA VAL B 169 -14.15 3.80 -24.98
C VAL B 169 -14.32 3.62 -23.47
N ALA B 170 -13.41 4.14 -22.65
CA ALA B 170 -13.52 4.02 -21.18
C ALA B 170 -14.79 4.76 -20.77
N MET B 171 -15.05 5.90 -21.38
CA MET B 171 -16.18 6.78 -20.98
C MET B 171 -17.48 6.02 -21.24
N TYR B 172 -17.64 5.47 -22.44
CA TYR B 172 -18.82 4.67 -22.80
C TYR B 172 -18.97 3.46 -21.87
N HIS B 173 -17.90 2.72 -21.69
CA HIS B 173 -17.84 1.48 -20.85
C HIS B 173 -18.36 1.80 -19.43
N ALA B 174 -17.87 2.89 -18.83
CA ALA B 174 -18.21 3.28 -17.45
C ALA B 174 -19.63 3.86 -17.36
N MET B 175 -20.05 4.68 -18.33
CA MET B 175 -21.33 5.43 -18.27
C MET B 175 -22.51 4.56 -18.68
N MET B 176 -22.32 3.65 -19.65
CA MET B 176 -23.46 2.86 -20.21
C MET B 176 -23.59 1.52 -19.50
N GLY B 177 -22.56 1.03 -18.82
CA GLY B 177 -22.55 -0.28 -18.14
C GLY B 177 -22.89 -1.43 -19.07
N GLU B 178 -22.50 -1.35 -20.34
CA GLU B 178 -22.69 -2.44 -21.33
C GLU B 178 -21.41 -3.29 -21.44
N ASN B 179 -21.57 -4.56 -21.80
CA ASN B 179 -20.43 -5.53 -21.80
C ASN B 179 -19.66 -5.43 -23.12
N LEU B 180 -18.35 -5.64 -23.05
CA LEU B 180 -17.45 -5.92 -24.20
C LEU B 180 -17.25 -7.44 -24.29
N SER B 181 -17.32 -7.99 -25.50
CA SER B 181 -16.98 -9.39 -25.83
C SER B 181 -15.46 -9.55 -25.71
N GLY B 182 -14.93 -10.78 -25.63
CA GLY B 182 -13.48 -11.04 -25.70
C GLY B 182 -12.87 -10.33 -26.91
N GLN B 183 -13.49 -10.45 -28.08
CA GLN B 183 -13.02 -9.80 -29.34
C GLN B 183 -12.93 -8.28 -29.17
N ASP B 184 -13.96 -7.61 -28.66
CA ASP B 184 -13.92 -6.14 -28.46
C ASP B 184 -12.92 -5.78 -27.35
N ALA B 185 -12.81 -6.63 -26.31
CA ALA B 185 -11.86 -6.41 -25.19
C ALA B 185 -10.43 -6.37 -25.77
N ALA B 186 -10.13 -7.28 -26.68
CA ALA B 186 -8.84 -7.36 -27.40
C ALA B 186 -8.67 -6.13 -28.32
N ARG B 187 -9.74 -5.75 -29.02
CA ARG B 187 -9.71 -4.58 -29.91
C ARG B 187 -9.38 -3.28 -29.14
N TYR B 188 -9.89 -3.14 -27.94
CA TYR B 188 -9.75 -1.86 -27.19
C TYR B 188 -8.61 -2.01 -26.20
N ASN B 189 -7.92 -3.14 -26.22
CA ASN B 189 -6.68 -3.44 -25.42
C ASN B 189 -6.98 -3.51 -23.91
N LEU B 190 -8.15 -4.00 -23.51
CA LEU B 190 -8.38 -4.45 -22.12
C LEU B 190 -7.58 -5.76 -21.85
N VAL B 191 -7.48 -6.63 -22.85
CA VAL B 191 -6.66 -7.85 -22.83
C VAL B 191 -5.72 -7.83 -24.04
N ASN B 192 -4.77 -8.76 -24.09
CA ASN B 192 -3.82 -8.88 -25.21
C ASN B 192 -4.49 -9.53 -26.42
N GLU B 193 -5.26 -10.59 -26.18
CA GLU B 193 -5.71 -11.52 -27.24
C GLU B 193 -7.03 -12.15 -26.82
N SER B 194 -7.85 -12.45 -27.80
CA SER B 194 -9.11 -13.17 -27.63
C SER B 194 -9.08 -14.36 -28.58
N MET B 195 -9.60 -15.48 -28.14
CA MET B 195 -9.59 -16.70 -28.99
C MET B 195 -10.74 -17.57 -28.53
N PRO B 196 -11.15 -18.57 -29.33
CA PRO B 196 -12.25 -19.43 -28.92
C PRO B 196 -11.89 -20.10 -27.58
N ALA B 197 -12.89 -20.28 -26.71
CA ALA B 197 -12.73 -20.86 -25.36
C ALA B 197 -11.81 -22.08 -25.40
N ASP B 198 -11.94 -22.94 -26.42
CA ASP B 198 -11.21 -24.24 -26.46
C ASP B 198 -9.74 -24.06 -26.88
N GLN B 199 -9.28 -22.85 -27.24
CA GLN B 199 -7.83 -22.64 -27.51
C GLN B 199 -7.17 -21.87 -26.36
N LEU B 200 -7.95 -21.44 -25.37
CA LEU B 200 -7.50 -20.39 -24.41
C LEU B 200 -6.35 -20.94 -23.56
N LYS B 201 -6.56 -22.10 -22.94
CA LYS B 201 -5.60 -22.66 -21.96
C LYS B 201 -4.29 -22.97 -22.67
N ALA B 202 -4.37 -23.50 -23.89
CA ALA B 202 -3.14 -23.89 -24.63
C ALA B 202 -2.29 -22.65 -24.96
N ARG B 203 -2.90 -21.54 -25.33
CA ARG B 203 -2.16 -20.29 -25.65
C ARG B 203 -1.49 -19.80 -24.35
N VAL B 204 -2.23 -19.84 -23.24
CA VAL B 204 -1.75 -19.36 -21.92
C VAL B 204 -0.56 -20.24 -21.47
N LYS B 205 -0.70 -21.57 -21.56
CA LYS B 205 0.41 -22.54 -21.30
C LYS B 205 1.62 -22.17 -22.14
N GLN B 206 1.42 -21.77 -23.40
CA GLN B 206 2.51 -21.51 -24.36
C GLN B 206 3.28 -20.27 -23.89
N VAL B 207 2.51 -19.23 -23.57
CA VAL B 207 3.03 -17.92 -23.10
C VAL B 207 3.79 -18.14 -21.80
N ALA B 208 3.21 -18.85 -20.85
CA ALA B 208 3.82 -19.06 -19.52
C ALA B 208 5.13 -19.80 -19.74
N GLU B 209 5.09 -20.80 -20.62
CA GLU B 209 6.25 -21.64 -20.97
C GLU B 209 7.36 -20.78 -21.63
N THR B 210 7.07 -19.88 -22.57
CA THR B 210 8.07 -18.93 -23.15
C THR B 210 8.71 -18.05 -22.05
N LEU B 211 7.91 -17.47 -21.16
CA LEU B 211 8.42 -16.60 -20.05
C LEU B 211 9.42 -17.36 -19.19
N ILE B 212 9.13 -18.62 -18.82
CA ILE B 212 9.96 -19.39 -17.84
C ILE B 212 11.35 -19.63 -18.43
N GLN B 213 11.51 -19.61 -19.76
CA GLN B 213 12.80 -19.84 -20.45
C GLN B 213 13.63 -18.54 -20.46
N LYS B 214 13.06 -17.39 -20.09
CA LYS B 214 13.80 -16.10 -20.02
C LYS B 214 14.50 -16.00 -18.65
N ASN B 215 15.48 -15.11 -18.52
CA ASN B 215 16.04 -14.70 -17.21
C ASN B 215 14.87 -14.12 -16.41
N TRP B 216 14.49 -14.78 -15.33
CA TRP B 216 13.37 -14.35 -14.45
C TRP B 216 13.62 -12.96 -13.90
N ALA B 217 14.85 -12.64 -13.49
CA ALA B 217 15.17 -11.30 -12.94
C ALA B 217 14.89 -10.24 -14.02
N THR B 218 15.28 -10.50 -15.29
CA THR B 218 15.12 -9.58 -16.44
C THR B 218 13.60 -9.36 -16.62
N VAL B 219 12.79 -10.42 -16.60
CA VAL B 219 11.32 -10.29 -16.85
C VAL B 219 10.69 -9.45 -15.73
N LYS B 220 11.07 -9.67 -14.48
CA LYS B 220 10.59 -8.85 -13.36
C LYS B 220 10.94 -7.36 -13.54
N TYR B 221 12.21 -7.01 -13.76
CA TYR B 221 12.63 -5.59 -13.94
C TYR B 221 11.93 -4.98 -15.17
N THR B 222 11.75 -5.73 -16.25
CA THR B 222 11.04 -5.26 -17.44
C THR B 222 9.56 -4.97 -17.13
N LYS B 223 8.78 -5.90 -16.56
CA LYS B 223 7.33 -5.67 -16.35
C LYS B 223 7.16 -4.53 -15.36
N ASP B 224 7.98 -4.42 -14.33
CA ASP B 224 7.90 -3.25 -13.43
C ASP B 224 8.21 -1.97 -14.19
N ALA B 225 9.26 -1.94 -15.02
CA ALA B 225 9.59 -0.73 -15.83
C ALA B 225 8.38 -0.29 -16.65
N VAL B 226 7.75 -1.19 -17.39
CA VAL B 226 6.58 -0.85 -18.23
C VAL B 226 5.54 -0.16 -17.37
N ARG B 227 5.24 -0.74 -16.22
CA ARG B 227 4.18 -0.17 -15.35
C ARG B 227 4.63 1.20 -14.83
N ARG B 228 5.90 1.35 -14.50
CA ARG B 228 6.34 2.58 -13.78
C ARG B 228 6.52 3.74 -14.79
N VAL B 229 6.96 3.50 -16.02
CA VAL B 229 7.42 4.63 -16.86
C VAL B 229 6.17 5.36 -17.41
N LYS B 230 5.00 4.75 -17.26
CA LYS B 230 3.71 5.38 -17.61
C LYS B 230 3.42 6.62 -16.76
N GLU B 231 3.96 6.71 -15.54
CA GLU B 231 3.70 7.82 -14.57
C GLU B 231 4.95 8.70 -14.47
N MET B 232 5.72 8.76 -15.55
CA MET B 232 7.00 9.51 -15.67
C MET B 232 7.03 10.26 -16.98
N THR B 233 7.67 11.42 -16.95
CA THR B 233 8.03 12.14 -18.18
C THR B 233 9.05 11.30 -18.97
N TYR B 234 9.12 11.51 -20.27
CA TYR B 234 10.12 10.79 -21.09
C TYR B 234 11.53 10.97 -20.49
N ASP B 235 11.85 12.23 -20.20
CA ASP B 235 13.18 12.62 -19.70
C ASP B 235 13.47 11.84 -18.42
N ASN B 236 12.55 11.84 -17.46
CA ASN B 236 12.73 11.13 -16.16
C ASN B 236 12.76 9.62 -16.39
N ALA B 237 12.00 9.11 -17.34
CA ALA B 237 11.98 7.67 -17.68
C ALA B 237 13.34 7.22 -18.25
N GLU B 238 14.08 8.06 -19.00
CA GLU B 238 15.36 7.65 -19.61
C GLU B 238 16.34 7.36 -18.48
N ASP B 239 16.41 8.27 -17.49
CA ASP B 239 17.36 8.13 -16.36
C ASP B 239 16.96 6.91 -15.52
N TYR B 240 15.65 6.75 -15.29
CA TYR B 240 15.07 5.68 -14.46
C TYR B 240 15.51 4.32 -15.00
N LEU B 241 15.44 4.13 -16.32
CA LEU B 241 15.75 2.80 -16.93
C LEU B 241 17.23 2.48 -16.77
N ILE B 242 18.11 3.47 -16.75
CA ILE B 242 19.55 3.28 -16.46
C ILE B 242 19.69 2.82 -15.00
N ARG B 243 19.04 3.54 -14.07
CA ARG B 243 19.04 3.17 -12.62
C ARG B 243 18.53 1.72 -12.50
N LEU B 244 17.52 1.34 -13.26
CA LEU B 244 16.94 -0.02 -13.11
C LEU B 244 17.99 -1.07 -13.51
N GLN B 245 18.63 -0.91 -14.68
CA GLN B 245 19.64 -1.86 -15.22
C GLN B 245 20.78 -2.03 -14.21
N GLU B 246 21.17 -0.96 -13.50
CA GLU B 246 22.22 -1.04 -12.43
C GLU B 246 21.75 -2.02 -11.36
N GLY B 247 20.48 -1.89 -10.94
CA GLY B 247 19.75 -2.82 -10.05
C GLY B 247 19.82 -4.24 -10.57
N LEU B 248 19.29 -4.47 -11.76
CA LEU B 248 19.32 -5.82 -12.37
C LEU B 248 20.77 -6.39 -12.42
N ASN B 249 21.78 -5.58 -12.75
CA ASN B 249 23.20 -6.05 -12.76
C ASN B 249 23.56 -6.60 -11.37
N TRP B 250 23.05 -6.02 -10.29
CA TRP B 250 23.23 -6.59 -8.92
C TRP B 250 22.49 -7.93 -8.77
N PHE B 251 21.25 -8.01 -9.27
CA PHE B 251 20.32 -9.16 -9.07
C PHE B 251 20.59 -10.31 -10.03
N ASP B 252 21.49 -10.15 -10.99
CA ASP B 252 21.82 -11.22 -11.97
C ASP B 252 23.31 -11.57 -11.89
CAI V55 C . 15.82 2.38 5.66
CAG V55 C . 16.46 1.60 4.68
CAK V55 C . 15.88 0.44 4.19
CAJ V55 C . 14.66 0.02 4.73
CAF V55 C . 14.02 0.77 5.69
OAB V55 C . 17.32 4.23 5.71
CAE V55 C . 14.61 1.94 6.15
CAD V55 C . 16.40 3.60 6.19
CAA V55 C . 17.68 -0.13 2.72
OAH V55 C . 16.37 -0.40 3.21
OAC V55 C . 14.06 -1.13 4.29
C1 GOL D . -0.57 6.36 -1.06
O1 GOL D . -1.78 5.66 -0.74
C2 GOL D . 0.14 6.77 0.20
O2 GOL D . 0.46 5.63 0.97
C3 GOL D . 1.40 7.58 -0.03
O3 GOL D . 1.65 8.40 1.10
C1 GOL E . -14.40 9.27 7.15
O1 GOL E . -14.34 9.71 8.51
C2 GOL E . -13.01 9.11 6.55
O2 GOL E . -12.54 7.78 6.73
C3 GOL E . -12.98 9.46 5.07
O3 GOL E . -11.66 9.60 4.56
N1A COA F . 19.86 -0.87 15.42
C2A COA F . 20.14 -1.84 16.31
N3A COA F . 20.62 -1.73 17.55
C4A COA F . 20.81 -0.45 17.87
C5A COA F . 20.57 0.66 17.08
C6A COA F . 20.07 0.41 15.78
N6A COA F . 19.78 1.38 14.89
N7A COA F . 20.90 1.83 17.76
C8A COA F . 21.32 1.42 18.93
N9A COA F . 21.29 0.04 19.05
C1B COA F . 21.67 -0.78 20.18
C2B COA F . 23.17 -0.87 20.47
O2B COA F . 23.79 -1.93 19.77
C3B COA F . 23.15 -1.14 21.97
O3B COA F . 22.79 -2.52 22.17
P3B COA F . 23.66 -3.36 23.25
O7A COA F . 24.78 -3.92 22.38
O8A COA F . 24.18 -2.43 24.34
O9A COA F . 22.75 -4.44 23.80
C4B COA F . 22.00 -0.24 22.46
O4B COA F . 21.09 -0.20 21.33
C5B COA F . 22.35 1.18 22.84
O5B COA F . 23.78 1.31 22.87
P1A COA F . 24.52 2.66 22.43
O1A COA F . 24.69 2.69 20.96
O2A COA F . 25.74 2.80 23.28
O3A COA F . 23.47 3.82 22.86
P2A COA F . 23.66 5.41 23.08
O4A COA F . 25.08 5.69 23.48
O5A COA F . 22.54 5.94 23.92
O6A COA F . 23.50 5.98 21.60
CBP COA F . 22.31 6.20 19.51
CCP COA F . 22.18 6.04 21.02
CDP COA F . 20.88 6.14 18.92
CEP COA F . 22.94 7.58 19.23
CAP COA F . 23.19 5.11 18.88
OAP COA F . 22.80 3.84 19.38
C9P COA F . 23.16 5.08 17.35
O9P COA F . 23.95 5.79 16.71
N8P COA F . 22.29 4.27 16.75
C7P COA F . 22.28 4.00 15.32
C6P COA F . 21.40 4.95 14.54
C5P COA F . 21.39 4.56 13.08
O5P COA F . 22.46 4.41 12.48
N4P COA F . 20.21 4.34 12.47
C3P COA F . 20.08 3.76 11.13
C2P COA F . 18.93 2.80 10.98
S1P COA F . 17.75 3.24 9.67
CAI V55 G . -15.73 -1.71 -6.11
CAG V55 G . -16.40 -0.82 -5.26
CAK V55 G . -16.00 -0.68 -3.94
CAJ V55 G . -14.92 -1.46 -3.47
CAF V55 G . -14.28 -2.36 -4.30
OAB V55 G . -17.10 -1.21 -7.98
CAE V55 G . -14.69 -2.48 -5.62
CAD V55 G . -16.20 -1.85 -7.49
CAA V55 G . -17.63 1.02 -3.48
OAH V55 G . -16.57 0.16 -3.02
OAC V55 G . -14.51 -1.38 -2.18
C1 GOL H . -0.14 1.36 -7.57
C1 GOL H . 1.01 2.06 -9.74
O1 GOL H . 0.45 0.46 -8.51
O1 GOL H . 0.40 1.01 -8.99
C2 GOL H . 0.68 1.35 -6.32
C2 GOL H . 0.72 1.91 -11.22
O2 GOL H . 0.59 0.04 -5.75
O2 GOL H . -0.32 0.95 -11.39
C3 GOL H . 2.12 1.75 -6.59
C3 GOL H . 1.92 1.51 -12.04
O3 GOL H . 2.80 2.10 -5.38
O3 GOL H . 2.99 2.46 -11.92
C1 GOL I . 13.34 -5.90 -8.05
O1 GOL I . 12.28 -4.99 -8.31
C2 GOL I . 12.83 -7.32 -8.03
O2 GOL I . 12.60 -7.73 -6.67
C3 GOL I . 13.72 -8.30 -8.77
O3 GOL I . 14.82 -8.74 -7.99
N1 IMD J . -0.30 10.11 -15.00
C2 IMD J . -0.57 11.35 -15.43
N3 IMD J . -0.17 12.19 -14.50
C4 IMD J . 0.24 11.49 -13.40
C5 IMD J . 0.14 10.18 -13.71
N1A COA K . -22.02 -10.91 -5.29
C2A COA K . -22.56 -11.93 -4.60
N3A COA K . -23.13 -13.04 -5.07
C4A COA K . -23.09 -13.07 -6.41
C5A COA K . -22.55 -12.12 -7.26
C6A COA K . -21.98 -10.98 -6.65
N6A COA K . -21.40 -10.00 -7.33
N7A COA K . -22.68 -12.52 -8.58
C8A COA K . -23.29 -13.69 -8.53
N9A COA K . -23.57 -14.07 -7.23
C1B COA K . -24.20 -15.27 -6.76
C2B COA K . -25.49 -14.98 -5.99
O2B COA K . -25.22 -14.91 -4.60
C3B COA K . -26.40 -16.14 -6.40
O3B COA K . -26.33 -17.27 -5.54
P3B COA K . -27.60 -18.28 -5.70
O7A COA K . -27.27 -19.26 -6.83
O8A COA K . -27.69 -18.96 -4.35
O9A COA K . -28.85 -17.44 -6.00
C4B COA K . -25.88 -16.51 -7.79
O4B COA K . -24.51 -16.08 -7.86
C5B COA K . -26.65 -15.85 -8.90
O5B COA K . -25.99 -16.14 -10.14
P1A COA K . -26.88 -15.75 -11.41
O1A COA K . -28.04 -16.69 -11.48
O2A COA K . -27.16 -14.29 -11.39
O3A COA K . -25.85 -16.07 -12.59
P2A COA K . -26.00 -16.14 -14.18
O4A COA K . -27.41 -15.86 -14.58
O5A COA K . -25.33 -17.38 -14.68
O6A COA K . -25.08 -14.90 -14.59
CBP COA K . -24.59 -12.56 -14.17
CCP COA K . -25.65 -13.57 -14.60
CDP COA K . -23.21 -13.22 -14.11
CEP COA K . -24.56 -11.42 -15.20
CAP COA K . -24.99 -12.04 -12.77
OAP COA K . -24.63 -13.04 -11.79
C9P COA K . -24.43 -10.70 -12.34
O9P COA K . -24.76 -9.69 -12.95
N8P COA K . -23.66 -10.68 -11.26
C7P COA K . -23.15 -9.47 -10.64
C6P COA K . -22.16 -8.74 -11.54
C5P COA K . -21.71 -7.41 -10.97
O5P COA K . -22.50 -6.49 -10.82
N4P COA K . -20.41 -7.30 -10.66
C3P COA K . -19.78 -6.09 -10.13
C2P COA K . -19.61 -6.13 -8.64
S1P COA K . -18.18 -5.17 -8.06
#